data_5FDP
#
_entry.id   5FDP
#
_cell.length_a   45.300
_cell.length_b   63.150
_cell.length_c   107.670
_cell.angle_alpha   90.00
_cell.angle_beta   90.00
_cell.angle_gamma   90.00
#
_symmetry.space_group_name_H-M   'P 21 21 21'
#
loop_
_entity.id
_entity.type
_entity.pdbx_description
1 polymer 'Epithelial discoidin domain-containing receptor 1'
2 non-polymer (4~{S})-4-methyl-~{N}-[3-[(4-methylpiperazin-1-yl)methyl]-5-(trifluoromethyl)phenyl]-2-pyrimidin-5-yl-3,4-dihydro-1~{H}-isoquinoline-7-carboxamide
3 non-polymer DI(HYDROXYETHYL)ETHER
4 non-polymer 1,2-ETHANEDIOL
5 water water
#
_entity_poly.entity_id   1
_entity_poly.type   'polypeptide(L)'
_entity_poly.pdbx_seq_one_letter_code
;MGHHHHHHSSGVDLGTENLYFQSMPRVDFPRSRLRFKEKLGEGQFGEVHLCEVDSPQDLVSLDFPLNVRKGHPLLVAVKI
LRPDATKNARNDFLKEVKIMSRLKDPNIIRLLGVCVQDDPLCMITDYMENGDLNQFLSAHQLEDKAAEGAPGDGQAAQGP
TISYPMLLHVAAQIASGMRYLATLNFVHRDLATRNCLVGENFTIKIADFGMSRNLYAGDYYRVQGRAVLPIRWMAWECIL
MGKFTTASDVWAFGVTLWEVLMLCRAQPFGQLTDEQVIENAGEFFRDQGRQVYLSRPPACPQGLYELMLRCWSRESEQRP
PFSQLHRFLAEDALNTV
;
_entity_poly.pdbx_strand_id   A
#
# COMPACT_ATOMS: atom_id res chain seq x y z
N ASP A 28 27.44 4.08 -7.41
CA ASP A 28 26.78 5.20 -6.74
C ASP A 28 26.22 6.16 -7.79
N PHE A 29 24.91 6.53 -7.70
CA PHE A 29 24.28 7.46 -8.64
C PHE A 29 25.01 8.81 -8.64
N PRO A 30 25.28 9.40 -9.83
CA PRO A 30 25.91 10.74 -9.84
C PRO A 30 24.90 11.78 -9.38
N ARG A 31 25.04 12.29 -8.16
CA ARG A 31 24.07 13.25 -7.63
C ARG A 31 24.04 14.53 -8.45
N SER A 32 25.12 14.81 -9.21
CA SER A 32 25.24 15.99 -10.06
C SER A 32 24.26 15.94 -11.20
N ARG A 33 23.63 14.76 -11.41
CA ARG A 33 22.63 14.54 -12.43
C ARG A 33 21.20 14.77 -11.92
N LEU A 34 21.06 15.14 -10.64
CA LEU A 34 19.76 15.41 -10.02
C LEU A 34 19.52 16.90 -9.98
N ARG A 35 18.49 17.38 -10.68
CA ARG A 35 18.14 18.80 -10.71
C ARG A 35 16.87 19.03 -9.91
N PHE A 36 16.99 19.76 -8.78
CA PHE A 36 15.88 20.09 -7.89
C PHE A 36 14.78 20.89 -8.60
N LYS A 37 13.52 20.55 -8.30
CA LYS A 37 12.38 21.23 -8.88
C LYS A 37 11.48 21.75 -7.78
N GLU A 38 11.00 20.84 -6.92
CA GLU A 38 10.16 21.20 -5.80
C GLU A 38 10.30 20.24 -4.63
N LYS A 39 10.20 20.77 -3.42
CA LYS A 39 10.21 20.04 -2.17
C LYS A 39 8.85 19.32 -2.14
N LEU A 40 8.83 18.02 -1.82
CA LEU A 40 7.56 17.27 -1.76
C LEU A 40 7.07 17.16 -0.35
N GLY A 41 8.00 17.11 0.57
CA GLY A 41 7.71 17.02 1.99
C GLY A 41 8.97 17.11 2.82
N GLU A 42 8.77 17.27 4.11
CA GLU A 42 9.82 17.39 5.11
C GLU A 42 9.59 16.32 6.16
N GLY A 43 10.60 16.10 6.98
CA GLY A 43 10.60 15.16 8.09
C GLY A 43 11.57 15.63 9.14
N GLN A 44 11.58 14.97 10.31
CA GLN A 44 12.46 15.30 11.42
C GLN A 44 13.94 15.00 11.09
N PHE A 45 14.19 14.02 10.19
CA PHE A 45 15.54 13.58 9.83
C PHE A 45 15.92 13.78 8.37
N GLY A 46 14.98 14.19 7.54
CA GLY A 46 15.24 14.43 6.12
C GLY A 46 14.17 15.16 5.35
N GLU A 47 14.43 15.37 4.06
CA GLU A 47 13.56 16.07 3.11
C GLU A 47 13.35 15.23 1.88
N VAL A 48 12.17 15.34 1.26
CA VAL A 48 11.83 14.65 0.02
C VAL A 48 11.76 15.73 -1.06
N HIS A 49 12.42 15.52 -2.20
CA HIS A 49 12.41 16.47 -3.33
C HIS A 49 12.00 15.84 -4.65
N LEU A 50 11.32 16.62 -5.48
CA LEU A 50 10.98 16.23 -6.85
C LEU A 50 12.16 16.75 -7.69
N CYS A 51 12.84 15.84 -8.42
CA CYS A 51 14.01 16.14 -9.23
C CYS A 51 13.83 15.74 -10.69
N GLU A 52 14.51 16.46 -11.59
CA GLU A 52 14.58 16.18 -13.02
C GLU A 52 15.93 15.56 -13.30
N VAL A 53 15.97 14.54 -14.20
CA VAL A 53 17.21 13.97 -14.69
C VAL A 53 17.22 14.10 -16.24
N ASP A 54 18.06 15.01 -16.77
CA ASP A 54 18.21 15.23 -18.23
C ASP A 54 18.86 13.98 -18.84
N SER A 55 18.43 13.58 -20.05
CA SER A 55 18.91 12.40 -20.77
C SER A 55 18.90 11.17 -19.83
N PRO A 56 17.72 10.70 -19.33
CA PRO A 56 17.71 9.59 -18.37
C PRO A 56 18.32 8.28 -18.84
N GLN A 57 18.39 8.07 -20.17
CA GLN A 57 18.99 6.90 -20.82
C GLN A 57 20.52 6.79 -20.52
N ASP A 58 21.06 7.77 -19.74
CA ASP A 58 22.45 7.93 -19.29
C ASP A 58 23.41 8.09 -20.47
N HIS A 72 10.24 16.15 -21.28
CA HIS A 72 11.41 15.41 -21.76
C HIS A 72 12.28 14.83 -20.62
N PRO A 73 12.71 15.60 -19.58
CA PRO A 73 13.52 14.97 -18.51
C PRO A 73 12.67 14.07 -17.61
N LEU A 74 13.27 13.00 -17.08
CA LEU A 74 12.61 12.06 -16.19
C LEU A 74 12.47 12.66 -14.79
N LEU A 75 11.26 12.55 -14.22
CA LEU A 75 10.99 13.05 -12.89
C LEU A 75 11.22 11.90 -11.92
N VAL A 76 11.88 12.19 -10.77
CA VAL A 76 12.25 11.24 -9.70
C VAL A 76 11.98 11.82 -8.27
N ALA A 77 11.84 10.94 -7.27
CA ALA A 77 11.61 11.36 -5.89
C ALA A 77 12.86 11.01 -5.10
N VAL A 78 13.43 12.02 -4.46
CA VAL A 78 14.71 11.86 -3.79
C VAL A 78 14.55 12.18 -2.33
N LYS A 79 14.93 11.23 -1.46
CA LYS A 79 14.90 11.45 -0.02
C LYS A 79 16.33 11.77 0.41
N ILE A 80 16.52 12.94 0.97
CA ILE A 80 17.83 13.42 1.37
C ILE A 80 17.85 13.52 2.86
N LEU A 81 18.84 12.89 3.47
CA LEU A 81 19.00 12.93 4.92
C LEU A 81 19.69 14.23 5.32
N ARG A 82 19.14 14.93 6.32
CA ARG A 82 19.70 16.17 6.86
C ARG A 82 21.10 15.89 7.42
N PRO A 83 22.11 16.78 7.26
CA PRO A 83 23.45 16.46 7.77
C PRO A 83 23.55 16.31 9.31
N ASP A 84 22.49 16.72 10.04
CA ASP A 84 22.45 16.60 11.50
C ASP A 84 21.47 15.48 11.95
N ALA A 85 21.12 14.53 11.04
CA ALA A 85 20.19 13.44 11.34
C ALA A 85 20.84 12.41 12.23
N THR A 86 20.05 11.80 13.13
CA THR A 86 20.53 10.80 14.08
C THR A 86 21.17 9.57 13.42
N LYS A 87 22.03 8.87 14.18
CA LYS A 87 22.66 7.63 13.73
C LYS A 87 21.58 6.54 13.54
N ASN A 88 20.45 6.64 14.28
CA ASN A 88 19.30 5.74 14.19
C ASN A 88 18.54 5.93 12.86
N ALA A 89 18.41 7.20 12.42
CA ALA A 89 17.72 7.59 11.18
C ALA A 89 18.56 7.15 9.99
N ARG A 90 19.89 7.25 10.15
CA ARG A 90 20.90 6.81 9.18
C ARG A 90 20.82 5.28 9.04
N ASN A 91 20.62 4.57 10.17
CA ASN A 91 20.49 3.11 10.18
C ASN A 91 19.24 2.67 9.39
N ASP A 92 18.06 3.26 9.72
CA ASP A 92 16.79 3.03 9.03
C ASP A 92 16.92 3.29 7.51
N PHE A 93 17.58 4.41 7.14
CA PHE A 93 17.86 4.83 5.76
C PHE A 93 18.62 3.78 4.98
N LEU A 94 19.75 3.29 5.55
CA LEU A 94 20.59 2.28 4.89
C LEU A 94 19.87 0.95 4.76
N LYS A 95 19.14 0.54 5.82
CA LYS A 95 18.38 -0.72 5.78
C LYS A 95 17.25 -0.63 4.78
N GLU A 96 16.60 0.54 4.67
CA GLU A 96 15.53 0.81 3.72
C GLU A 96 16.08 0.63 2.30
N VAL A 97 17.28 1.15 2.04
CA VAL A 97 17.98 1.07 0.75
C VAL A 97 18.20 -0.41 0.37
N LYS A 98 18.70 -1.22 1.32
CA LYS A 98 18.99 -2.66 1.18
C LYS A 98 17.77 -3.41 0.74
N ILE A 99 16.67 -3.24 1.52
CA ILE A 99 15.34 -3.83 1.28
C ILE A 99 14.83 -3.50 -0.13
N MET A 100 14.75 -2.20 -0.48
CA MET A 100 14.19 -1.73 -1.76
C MET A 100 14.95 -2.18 -3.00
N SER A 101 16.30 -2.27 -2.89
CA SER A 101 17.22 -2.65 -3.96
C SER A 101 16.89 -3.99 -4.65
N ARG A 102 16.18 -4.91 -3.95
CA ARG A 102 15.79 -6.24 -4.45
C ARG A 102 14.47 -6.24 -5.23
N LEU A 103 13.63 -5.22 -5.01
CA LEU A 103 12.30 -5.14 -5.58
C LEU A 103 12.27 -4.45 -6.93
N LYS A 104 12.19 -5.27 -8.00
CA LYS A 104 12.17 -4.81 -9.38
C LYS A 104 10.98 -5.47 -10.10
N ASP A 105 9.83 -4.78 -10.08
CA ASP A 105 8.60 -5.24 -10.71
C ASP A 105 7.81 -3.98 -11.16
N PRO A 106 6.97 -4.04 -12.23
CA PRO A 106 6.25 -2.83 -12.65
C PRO A 106 5.23 -2.29 -11.65
N ASN A 107 4.70 -3.14 -10.74
CA ASN A 107 3.73 -2.70 -9.76
C ASN A 107 4.33 -2.55 -8.35
N ILE A 108 5.65 -2.32 -8.26
CA ILE A 108 6.35 -2.11 -6.98
C ILE A 108 7.24 -0.91 -7.16
N ILE A 109 7.29 -0.03 -6.16
CA ILE A 109 8.18 1.13 -6.16
C ILE A 109 9.63 0.71 -6.48
N ARG A 110 10.23 1.40 -7.44
CA ARG A 110 11.59 1.09 -7.86
C ARG A 110 12.58 2.07 -7.28
N LEU A 111 13.68 1.52 -6.77
CA LEU A 111 14.85 2.27 -6.31
C LEU A 111 15.69 2.40 -7.58
N LEU A 112 15.83 3.62 -8.05
CA LEU A 112 16.56 3.96 -9.28
C LEU A 112 18.03 4.05 -9.02
N GLY A 113 18.38 4.65 -7.88
CA GLY A 113 19.75 4.83 -7.47
C GLY A 113 19.82 5.34 -6.05
N VAL A 114 21.03 5.41 -5.53
CA VAL A 114 21.38 5.84 -4.17
C VAL A 114 22.70 6.61 -4.25
N CYS A 115 22.88 7.61 -3.37
CA CYS A 115 24.14 8.35 -3.21
C CYS A 115 24.53 8.11 -1.77
N VAL A 116 25.43 7.16 -1.50
CA VAL A 116 25.77 6.86 -0.10
C VAL A 116 27.30 6.94 0.22
N GLN A 117 28.19 6.89 -0.80
CA GLN A 117 29.65 6.97 -0.59
C GLN A 117 30.12 8.31 0.00
N ASP A 118 29.20 9.31 0.04
CA ASP A 118 29.37 10.66 0.56
C ASP A 118 28.04 11.25 1.08
N ASP A 119 28.12 12.25 1.96
CA ASP A 119 27.02 12.98 2.58
C ASP A 119 26.54 14.19 1.74
N PRO A 120 25.22 14.56 1.77
CA PRO A 120 24.10 13.92 2.47
C PRO A 120 23.61 12.63 1.79
N LEU A 121 23.11 11.67 2.57
CA LEU A 121 22.60 10.41 2.00
C LEU A 121 21.34 10.62 1.17
N CYS A 122 21.36 10.14 -0.09
CA CYS A 122 20.23 10.23 -1.02
C CYS A 122 19.78 8.87 -1.46
N MET A 123 18.47 8.74 -1.65
CA MET A 123 17.85 7.55 -2.26
C MET A 123 16.86 8.07 -3.30
N ILE A 124 16.91 7.50 -4.51
CA ILE A 124 16.16 7.96 -5.67
C ILE A 124 15.16 6.92 -6.15
N THR A 125 13.87 7.30 -6.21
CA THR A 125 12.80 6.41 -6.70
C THR A 125 12.05 7.04 -7.85
N ASP A 126 11.03 6.31 -8.39
CA ASP A 126 10.14 6.84 -9.42
C ASP A 126 9.28 7.95 -8.81
N TYR A 127 8.81 8.87 -9.66
CA TYR A 127 7.88 9.89 -9.19
C TYR A 127 6.48 9.48 -9.67
N MET A 128 5.57 9.28 -8.70
CA MET A 128 4.19 8.91 -8.94
C MET A 128 3.35 10.15 -8.72
N GLU A 129 3.09 10.85 -9.83
CA GLU A 129 2.46 12.17 -9.89
C GLU A 129 1.11 12.30 -9.21
N ASN A 130 0.28 11.26 -9.23
CA ASN A 130 -1.05 11.37 -8.66
C ASN A 130 -1.16 11.07 -7.16
N GLY A 131 -0.04 10.96 -6.45
CA GLY A 131 -0.05 10.72 -5.00
C GLY A 131 -0.49 9.31 -4.65
N ASP A 132 -0.89 9.09 -3.38
CA ASP A 132 -1.35 7.76 -2.97
C ASP A 132 -2.78 7.47 -3.51
N LEU A 133 -3.15 6.19 -3.53
CA LEU A 133 -4.45 5.73 -4.02
C LEU A 133 -5.62 6.19 -3.16
N ASN A 134 -5.44 6.34 -1.81
CA ASN A 134 -6.50 6.86 -0.93
C ASN A 134 -6.83 8.29 -1.37
N GLN A 135 -5.82 9.18 -1.46
CA GLN A 135 -5.95 10.57 -1.90
C GLN A 135 -6.52 10.61 -3.33
N PHE A 136 -6.08 9.68 -4.21
CA PHE A 136 -6.52 9.59 -5.59
C PHE A 136 -8.00 9.26 -5.75
N LEU A 137 -8.45 8.14 -5.14
CA LEU A 137 -9.85 7.67 -5.22
C LEU A 137 -10.80 8.57 -4.47
N SER A 138 -10.35 9.17 -3.35
CA SER A 138 -11.14 10.13 -2.57
C SER A 138 -11.52 11.35 -3.41
N ALA A 139 -10.71 11.69 -4.44
CA ALA A 139 -10.93 12.86 -5.29
C ALA A 139 -11.84 12.56 -6.48
N HIS A 140 -12.23 11.29 -6.65
CA HIS A 140 -13.06 10.83 -7.77
C HIS A 140 -14.43 10.35 -7.31
N GLN A 141 -15.39 10.35 -8.23
CA GLN A 141 -16.72 9.82 -8.08
C GLN A 141 -16.74 8.61 -9.03
N LEU A 142 -17.66 7.66 -8.78
CA LEU A 142 -17.79 6.50 -9.64
C LEU A 142 -18.55 6.87 -10.88
N GLU A 143 -18.08 6.38 -12.03
CA GLU A 143 -18.77 6.58 -13.28
C GLU A 143 -19.95 5.60 -13.20
N ASP A 144 -21.16 6.15 -13.13
CA ASP A 144 -22.41 5.40 -13.04
C ASP A 144 -23.47 6.12 -13.91
N LYS A 145 -23.58 5.68 -15.18
CA LYS A 145 -24.48 6.19 -16.23
C LYS A 145 -25.95 6.24 -15.82
N ALA A 146 -26.38 5.39 -14.89
CA ALA A 146 -27.73 5.41 -14.33
C ALA A 146 -27.97 6.62 -13.38
N ALA A 147 -26.95 7.49 -13.16
CA ALA A 147 -27.04 8.64 -12.27
C ALA A 147 -26.66 9.97 -12.94
N GLY A 159 -15.54 17.72 -10.88
CA GLY A 159 -15.15 16.53 -10.11
C GLY A 159 -14.92 15.35 -11.07
N PRO A 160 -13.69 14.80 -11.12
CA PRO A 160 -13.41 13.71 -12.06
C PRO A 160 -14.10 12.39 -11.72
N THR A 161 -14.33 11.54 -12.74
CA THR A 161 -14.97 10.23 -12.56
C THR A 161 -14.01 9.07 -12.83
N ILE A 162 -14.28 7.91 -12.24
CA ILE A 162 -13.53 6.66 -12.40
C ILE A 162 -14.54 5.52 -12.64
N SER A 163 -14.33 4.72 -13.71
CA SER A 163 -15.25 3.62 -14.05
C SER A 163 -14.98 2.38 -13.24
N TYR A 164 -16.00 1.49 -13.14
CA TYR A 164 -15.89 0.19 -12.46
C TYR A 164 -14.74 -0.68 -13.07
N PRO A 165 -14.62 -0.88 -14.42
CA PRO A 165 -13.45 -1.62 -14.96
C PRO A 165 -12.10 -1.04 -14.55
N MET A 166 -12.02 0.29 -14.34
CA MET A 166 -10.79 0.97 -13.94
C MET A 166 -10.42 0.71 -12.48
N LEU A 167 -11.43 0.54 -11.62
CA LEU A 167 -11.21 0.18 -10.24
C LEU A 167 -10.67 -1.26 -10.18
N LEU A 168 -11.15 -2.15 -11.08
CA LEU A 168 -10.67 -3.53 -11.16
C LEU A 168 -9.25 -3.64 -11.68
N HIS A 169 -8.87 -2.79 -12.66
CA HIS A 169 -7.53 -2.73 -13.25
C HIS A 169 -6.54 -2.30 -12.15
N VAL A 170 -6.92 -1.29 -11.37
CA VAL A 170 -6.14 -0.77 -10.22
C VAL A 170 -5.89 -1.90 -9.21
N ALA A 171 -6.95 -2.65 -8.85
CA ALA A 171 -6.85 -3.73 -7.86
C ALA A 171 -6.01 -4.89 -8.37
N ALA A 172 -6.18 -5.24 -9.66
CA ALA A 172 -5.42 -6.31 -10.31
C ALA A 172 -3.93 -5.96 -10.35
N GLN A 173 -3.56 -4.67 -10.59
CA GLN A 173 -2.15 -4.20 -10.55
C GLN A 173 -1.60 -4.37 -9.11
N ILE A 174 -2.40 -4.07 -8.07
CA ILE A 174 -1.98 -4.30 -6.68
C ILE A 174 -1.76 -5.82 -6.47
N ALA A 175 -2.66 -6.66 -7.01
CA ALA A 175 -2.56 -8.11 -6.91
C ALA A 175 -1.28 -8.59 -7.59
N SER A 176 -1.00 -8.10 -8.81
CA SER A 176 0.21 -8.43 -9.55
C SER A 176 1.48 -8.12 -8.77
N GLY A 177 1.55 -6.91 -8.19
CA GLY A 177 2.68 -6.47 -7.37
C GLY A 177 2.90 -7.39 -6.19
N MET A 178 1.79 -7.72 -5.46
CA MET A 178 1.82 -8.65 -4.30
C MET A 178 2.26 -10.07 -4.66
N ARG A 179 1.85 -10.57 -5.84
CA ARG A 179 2.25 -11.90 -6.35
C ARG A 179 3.76 -11.93 -6.49
N TYR A 180 4.35 -10.79 -6.94
CA TYR A 180 5.79 -10.65 -7.03
C TYR A 180 6.41 -10.73 -5.64
N LEU A 181 5.86 -9.97 -4.63
CA LEU A 181 6.41 -9.95 -3.26
C LEU A 181 6.34 -11.36 -2.61
N ALA A 182 5.18 -12.03 -2.80
CA ALA A 182 4.87 -13.38 -2.32
C ALA A 182 5.82 -14.43 -2.93
N THR A 183 6.10 -14.34 -4.25
CA THR A 183 7.01 -15.28 -4.91
C THR A 183 8.46 -15.08 -4.42
N LEU A 184 8.79 -13.91 -3.80
CA LEU A 184 10.11 -13.59 -3.24
C LEU A 184 10.16 -13.89 -1.73
N ASN A 185 9.02 -14.34 -1.15
CA ASN A 185 8.84 -14.59 0.28
C ASN A 185 8.95 -13.29 1.09
N PHE A 186 8.55 -12.16 0.50
CA PHE A 186 8.61 -10.84 1.15
C PHE A 186 7.21 -10.49 1.65
N VAL A 187 7.07 -10.33 2.97
CA VAL A 187 5.78 -9.99 3.58
C VAL A 187 5.74 -8.49 3.78
N HIS A 188 4.84 -7.81 3.04
CA HIS A 188 4.65 -6.37 3.04
C HIS A 188 4.38 -5.86 4.45
N ARG A 189 3.40 -6.47 5.14
CA ARG A 189 2.96 -6.21 6.52
C ARG A 189 2.04 -4.99 6.67
N ASP A 190 1.96 -4.08 5.65
CA ASP A 190 1.10 -2.88 5.77
C ASP A 190 0.39 -2.49 4.46
N LEU A 191 -0.19 -3.48 3.75
CA LEU A 191 -0.91 -3.20 2.51
C LEU A 191 -2.26 -2.52 2.81
N ALA A 192 -2.43 -1.34 2.23
CA ALA A 192 -3.59 -0.46 2.30
C ALA A 192 -3.45 0.49 1.12
N THR A 193 -4.55 1.18 0.73
CA THR A 193 -4.53 2.17 -0.38
C THR A 193 -3.57 3.34 -0.10
N ARG A 194 -3.39 3.73 1.18
CA ARG A 194 -2.47 4.79 1.59
C ARG A 194 -1.00 4.46 1.21
N ASN A 195 -0.65 3.16 1.19
CA ASN A 195 0.69 2.70 0.80
C ASN A 195 0.72 2.32 -0.69
N CYS A 196 -0.28 2.70 -1.47
CA CYS A 196 -0.32 2.44 -2.93
C CYS A 196 -0.15 3.77 -3.64
N LEU A 197 0.76 3.84 -4.63
CA LEU A 197 1.02 5.08 -5.35
C LEU A 197 0.48 5.08 -6.76
N VAL A 198 -0.05 6.24 -7.22
CA VAL A 198 -0.66 6.35 -8.55
C VAL A 198 0.20 7.23 -9.48
N GLY A 199 0.56 6.68 -10.64
CA GLY A 199 1.36 7.40 -11.62
C GLY A 199 0.53 7.76 -12.84
N GLU A 200 1.18 7.92 -13.99
CA GLU A 200 0.46 8.20 -15.25
C GLU A 200 -0.17 6.91 -15.71
N ASN A 201 -1.22 7.01 -16.57
CA ASN A 201 -1.88 5.91 -17.25
C ASN A 201 -2.54 4.91 -16.27
N PHE A 202 -2.88 5.39 -15.05
CA PHE A 202 -3.51 4.61 -13.98
C PHE A 202 -2.59 3.49 -13.45
N THR A 203 -1.26 3.68 -13.60
CA THR A 203 -0.24 2.76 -13.10
C THR A 203 -0.21 2.78 -11.57
N ILE A 204 -0.31 1.59 -10.96
CA ILE A 204 -0.25 1.44 -9.50
C ILE A 204 1.08 0.83 -9.08
N LYS A 205 1.70 1.43 -8.06
CA LYS A 205 2.93 0.91 -7.50
C LYS A 205 2.77 0.79 -6.00
N ILE A 206 2.89 -0.42 -5.49
CA ILE A 206 2.80 -0.65 -4.05
C ILE A 206 4.06 -0.04 -3.42
N ALA A 207 3.89 0.76 -2.36
CA ALA A 207 5.00 1.38 -1.65
C ALA A 207 4.86 1.04 -0.16
N ASP A 208 5.65 1.70 0.71
CA ASP A 208 5.55 1.59 2.17
C ASP A 208 6.16 2.84 2.79
N PHE A 209 5.29 3.75 3.24
CA PHE A 209 5.73 4.99 3.87
C PHE A 209 5.92 4.83 5.36
N GLY A 210 5.36 3.75 5.91
CA GLY A 210 5.40 3.50 7.33
C GLY A 210 4.47 4.48 8.01
N MET A 211 4.98 5.20 9.00
CA MET A 211 4.23 6.20 9.77
C MET A 211 4.82 7.62 9.55
N SER A 212 5.71 7.76 8.52
CA SER A 212 6.40 8.99 8.12
C SER A 212 5.47 10.18 7.89
N ARG A 213 4.30 9.91 7.28
CA ARG A 213 3.28 10.92 7.04
C ARG A 213 2.28 10.84 8.22
N ASN A 214 1.99 11.98 8.85
CA ASN A 214 1.05 12.04 9.97
C ASN A 214 -0.42 11.99 9.49
N LEU A 215 -0.62 11.95 8.16
CA LEU A 215 -1.90 11.90 7.46
C LEU A 215 -2.85 10.80 7.93
N TYR A 216 -2.31 9.59 8.16
CA TYR A 216 -3.08 8.40 8.50
C TYR A 216 -2.92 7.84 9.93
N ALA A 217 -2.74 8.70 10.96
CA ALA A 217 -2.59 8.24 12.37
C ALA A 217 -3.82 7.46 12.87
N GLY A 218 -5.01 7.79 12.34
CA GLY A 218 -6.26 7.10 12.68
C GLY A 218 -6.32 5.66 12.22
N ASP A 219 -5.41 5.26 11.30
CA ASP A 219 -5.37 3.90 10.72
C ASP A 219 -4.44 2.97 11.46
N TYR A 220 -3.79 3.47 12.52
CA TYR A 220 -2.83 2.75 13.33
C TYR A 220 -3.19 2.85 14.77
N TYR A 221 -3.01 1.74 15.46
CA TYR A 221 -3.33 1.60 16.85
C TYR A 221 -2.11 1.13 17.64
N ARG A 222 -1.81 1.82 18.75
CA ARG A 222 -0.70 1.51 19.65
C ARG A 222 -1.08 0.40 20.61
N VAL A 223 -0.55 -0.80 20.39
CA VAL A 223 -0.84 -1.93 21.28
C VAL A 223 0.12 -1.95 22.49
N GLN A 224 0.08 -3.05 23.27
CA GLN A 224 0.94 -3.29 24.43
C GLN A 224 2.39 -3.53 23.99
N GLY A 225 3.26 -2.58 24.31
CA GLY A 225 4.67 -2.62 23.97
C GLY A 225 5.21 -1.44 23.18
N ARG A 226 4.33 -0.47 22.88
CA ARG A 226 4.53 0.74 22.07
C ARG A 226 4.59 0.42 20.55
N ALA A 227 4.23 -0.83 20.16
CA ALA A 227 4.14 -1.21 18.75
C ALA A 227 2.87 -0.58 18.19
N VAL A 228 2.97 0.08 17.03
CA VAL A 228 1.87 0.80 16.39
C VAL A 228 1.54 0.07 15.09
N LEU A 229 0.42 -0.68 15.09
CA LEU A 229 -0.05 -1.57 14.03
C LEU A 229 -1.34 -1.14 13.31
N PRO A 230 -1.49 -1.49 11.98
CA PRO A 230 -2.72 -1.12 11.24
C PRO A 230 -3.80 -2.20 11.40
N ILE A 231 -4.28 -2.37 12.62
CA ILE A 231 -5.20 -3.45 13.05
C ILE A 231 -6.41 -3.67 12.12
N ARG A 232 -7.01 -2.61 11.53
CA ARG A 232 -8.20 -2.80 10.69
C ARG A 232 -7.92 -3.50 9.37
N TRP A 233 -6.62 -3.65 9.00
CA TRP A 233 -6.16 -4.29 7.77
C TRP A 233 -5.50 -5.63 8.06
N MET A 234 -5.28 -5.92 9.33
CA MET A 234 -4.57 -7.11 9.82
C MET A 234 -5.44 -8.33 10.03
N ALA A 235 -4.93 -9.51 9.59
CA ALA A 235 -5.55 -10.83 9.79
C ALA A 235 -5.59 -11.11 11.28
N TRP A 236 -6.49 -11.99 11.70
CA TRP A 236 -6.71 -12.31 13.11
C TRP A 236 -5.48 -12.93 13.81
N GLU A 237 -4.67 -13.73 13.07
CA GLU A 237 -3.46 -14.34 13.63
C GLU A 237 -2.36 -13.30 13.90
N CYS A 238 -2.36 -12.17 13.15
CA CYS A 238 -1.42 -11.03 13.24
C CYS A 238 -1.59 -10.27 14.55
N ILE A 239 -2.84 -9.93 14.86
CA ILE A 239 -3.26 -9.14 16.05
C ILE A 239 -3.03 -9.95 17.34
N LEU A 240 -3.33 -11.24 17.32
CA LEU A 240 -3.21 -12.12 18.48
C LEU A 240 -1.83 -12.78 18.68
N MET A 241 -1.15 -13.19 17.58
CA MET A 241 0.14 -13.91 17.68
C MET A 241 1.33 -13.25 17.04
N GLY A 242 1.10 -12.19 16.25
CA GLY A 242 2.19 -11.51 15.54
C GLY A 242 2.70 -12.37 14.40
N LYS A 243 1.81 -13.24 13.86
CA LYS A 243 2.13 -14.17 12.77
C LYS A 243 1.82 -13.50 11.44
N PHE A 244 2.85 -12.83 10.84
CA PHE A 244 2.77 -12.10 9.55
C PHE A 244 3.33 -12.97 8.43
N THR A 245 2.49 -13.29 7.45
CA THR A 245 2.87 -14.16 6.33
C THR A 245 2.21 -13.60 5.07
N THR A 246 2.55 -14.19 3.91
CA THR A 246 1.94 -13.90 2.62
C THR A 246 0.40 -14.00 2.75
N ALA A 247 -0.11 -15.01 3.52
CA ALA A 247 -1.53 -15.27 3.77
C ALA A 247 -2.22 -14.10 4.43
N SER A 248 -1.55 -13.43 5.40
CA SER A 248 -2.11 -12.26 6.07
C SER A 248 -1.99 -11.02 5.17
N ASP A 249 -1.07 -11.03 4.18
CA ASP A 249 -0.98 -9.95 3.19
C ASP A 249 -2.27 -10.00 2.32
N VAL A 250 -2.79 -11.23 2.04
CA VAL A 250 -4.05 -11.54 1.30
C VAL A 250 -5.25 -10.91 2.07
N TRP A 251 -5.32 -11.13 3.40
CA TRP A 251 -6.36 -10.53 4.23
C TRP A 251 -6.40 -9.01 4.01
N ALA A 252 -5.21 -8.35 4.12
CA ALA A 252 -4.99 -6.92 3.92
C ALA A 252 -5.35 -6.50 2.48
N PHE A 253 -5.04 -7.35 1.47
CA PHE A 253 -5.46 -7.09 0.10
C PHE A 253 -6.99 -7.07 0.04
N GLY A 254 -7.63 -7.98 0.78
CA GLY A 254 -9.08 -8.09 0.87
C GLY A 254 -9.68 -6.80 1.37
N VAL A 255 -9.04 -6.20 2.38
CA VAL A 255 -9.48 -4.94 3.02
C VAL A 255 -9.18 -3.77 2.05
N THR A 256 -8.09 -3.90 1.25
CA THR A 256 -7.65 -2.89 0.27
C THR A 256 -8.61 -2.85 -0.91
N LEU A 257 -9.10 -4.02 -1.35
CA LEU A 257 -10.08 -4.17 -2.41
C LEU A 257 -11.41 -3.51 -1.94
N TRP A 258 -11.77 -3.67 -0.65
CA TRP A 258 -12.96 -3.04 -0.04
C TRP A 258 -12.82 -1.51 -0.15
N GLU A 259 -11.63 -0.96 0.16
CA GLU A 259 -11.35 0.49 0.10
C GLU A 259 -11.48 0.99 -1.33
N VAL A 260 -10.96 0.22 -2.31
CA VAL A 260 -11.02 0.57 -3.74
C VAL A 260 -12.48 0.66 -4.13
N LEU A 261 -13.27 -0.38 -3.78
CA LEU A 261 -14.70 -0.47 -4.11
C LEU A 261 -15.57 0.56 -3.42
N MET A 262 -15.10 1.07 -2.26
CA MET A 262 -15.74 2.13 -1.51
C MET A 262 -15.23 3.49 -2.00
N LEU A 263 -14.29 3.54 -2.99
CA LEU A 263 -13.66 4.80 -3.44
C LEU A 263 -13.05 5.58 -2.27
N CYS A 264 -12.53 4.81 -1.28
CA CYS A 264 -11.85 5.28 -0.08
C CYS A 264 -12.66 6.29 0.72
N ARG A 265 -14.00 6.11 0.73
CA ARG A 265 -14.96 6.96 1.41
C ARG A 265 -15.10 6.71 2.91
N ALA A 266 -14.77 5.50 3.35
CA ALA A 266 -14.91 5.12 4.74
C ALA A 266 -13.77 4.32 5.21
N GLN A 267 -13.55 4.38 6.54
CA GLN A 267 -12.56 3.60 7.20
C GLN A 267 -13.13 2.18 7.36
N PRO A 268 -12.34 1.10 7.10
CA PRO A 268 -12.86 -0.26 7.34
C PRO A 268 -13.32 -0.41 8.79
N PHE A 269 -14.56 -0.95 9.00
CA PHE A 269 -15.17 -1.13 10.33
C PHE A 269 -15.27 0.22 11.09
N GLY A 270 -15.49 1.31 10.34
CA GLY A 270 -15.56 2.68 10.85
C GLY A 270 -16.50 2.91 12.00
N GLN A 271 -17.61 2.16 12.06
CA GLN A 271 -18.60 2.27 13.13
C GLN A 271 -18.16 1.54 14.41
N LEU A 272 -17.11 0.71 14.31
CA LEU A 272 -16.54 -0.06 15.43
C LEU A 272 -15.26 0.54 15.95
N THR A 273 -15.10 0.57 17.30
CA THR A 273 -13.90 1.11 17.94
C THR A 273 -12.68 0.23 17.68
N ASP A 274 -11.49 0.73 18.02
CA ASP A 274 -10.24 -0.04 17.87
C ASP A 274 -10.32 -1.31 18.73
N GLU A 275 -10.79 -1.17 19.99
CA GLU A 275 -11.01 -2.26 20.96
C GLU A 275 -11.95 -3.33 20.41
N GLN A 276 -13.00 -2.94 19.63
CA GLN A 276 -13.97 -3.87 19.01
C GLN A 276 -13.39 -4.56 17.77
N VAL A 277 -12.40 -3.92 17.09
CA VAL A 277 -11.74 -4.53 15.93
C VAL A 277 -10.80 -5.66 16.45
N ILE A 278 -10.12 -5.43 17.62
CA ILE A 278 -9.23 -6.39 18.29
C ILE A 278 -10.07 -7.54 18.84
N GLU A 279 -11.16 -7.23 19.57
CA GLU A 279 -12.10 -8.20 20.14
C GLU A 279 -12.70 -9.08 19.00
N ASN A 280 -12.85 -8.52 17.79
CA ASN A 280 -13.36 -9.26 16.63
C ASN A 280 -12.38 -10.35 16.20
N ALA A 281 -11.05 -10.10 16.29
CA ALA A 281 -10.01 -11.08 15.93
C ALA A 281 -10.02 -12.30 16.91
N GLY A 282 -10.42 -12.07 18.17
CA GLY A 282 -10.56 -13.11 19.16
C GLY A 282 -11.75 -13.99 18.82
N GLU A 283 -12.76 -13.39 18.17
CA GLU A 283 -13.95 -14.09 17.70
C GLU A 283 -13.63 -14.92 16.46
N PHE A 284 -12.61 -14.51 15.67
CA PHE A 284 -12.17 -15.34 14.54
C PHE A 284 -11.40 -16.55 15.09
N PHE A 285 -10.69 -16.38 16.23
CA PHE A 285 -9.95 -17.44 16.91
C PHE A 285 -10.91 -18.46 17.55
N ARG A 286 -11.95 -17.98 18.26
CA ARG A 286 -12.93 -18.87 18.91
C ARG A 286 -13.77 -19.66 17.88
N ASP A 287 -14.00 -19.07 16.68
CA ASP A 287 -14.72 -19.68 15.56
C ASP A 287 -16.12 -20.21 15.99
N GLN A 288 -16.86 -19.39 16.78
CA GLN A 288 -18.20 -19.70 17.28
C GLN A 288 -19.29 -19.02 16.45
N GLY A 289 -18.95 -18.64 15.22
CA GLY A 289 -19.87 -17.96 14.30
C GLY A 289 -20.24 -16.53 14.66
N ARG A 290 -19.61 -15.94 15.70
CA ARG A 290 -19.86 -14.57 16.14
C ARG A 290 -18.92 -13.50 15.53
N GLN A 291 -17.92 -13.91 14.69
CA GLN A 291 -16.96 -12.97 14.07
C GLN A 291 -17.68 -12.12 13.03
N VAL A 292 -17.17 -10.89 12.76
CA VAL A 292 -17.81 -10.00 11.81
C VAL A 292 -16.86 -9.59 10.64
N TYR A 293 -17.44 -9.37 9.47
CA TYR A 293 -16.78 -9.05 8.21
C TYR A 293 -17.16 -7.66 7.75
N LEU A 294 -16.30 -7.05 6.94
CA LEU A 294 -16.61 -5.78 6.30
C LEU A 294 -17.88 -5.97 5.44
N SER A 295 -18.75 -4.97 5.40
CA SER A 295 -19.98 -5.08 4.61
C SER A 295 -19.70 -4.84 3.13
N ARG A 296 -20.51 -5.48 2.24
CA ARG A 296 -20.37 -5.37 0.79
C ARG A 296 -20.53 -3.92 0.32
N PRO A 297 -19.46 -3.30 -0.26
CA PRO A 297 -19.58 -1.94 -0.78
C PRO A 297 -20.76 -1.81 -1.76
N PRO A 298 -21.50 -0.68 -1.77
CA PRO A 298 -22.67 -0.54 -2.67
C PRO A 298 -22.40 -0.90 -4.13
N ALA A 299 -21.26 -0.46 -4.67
CA ALA A 299 -20.93 -0.75 -6.07
C ALA A 299 -20.30 -2.13 -6.28
N CYS A 300 -20.17 -2.96 -5.21
CA CYS A 300 -19.58 -4.29 -5.33
C CYS A 300 -20.61 -5.43 -5.61
N PRO A 301 -20.49 -6.16 -6.75
CA PRO A 301 -21.40 -7.27 -7.01
C PRO A 301 -21.17 -8.41 -6.04
N GLN A 302 -22.18 -9.25 -5.81
CA GLN A 302 -22.07 -10.36 -4.82
C GLN A 302 -20.87 -11.31 -5.12
N GLY A 303 -20.64 -11.64 -6.40
CA GLY A 303 -19.52 -12.48 -6.84
C GLY A 303 -18.16 -11.96 -6.39
N LEU A 304 -17.91 -10.66 -6.60
CA LEU A 304 -16.69 -9.98 -6.17
C LEU A 304 -16.61 -9.92 -4.64
N TYR A 305 -17.76 -9.76 -3.96
CA TYR A 305 -17.81 -9.72 -2.48
C TYR A 305 -17.40 -11.07 -1.92
N GLU A 306 -17.82 -12.16 -2.60
CA GLU A 306 -17.48 -13.53 -2.20
C GLU A 306 -15.97 -13.75 -2.22
N LEU A 307 -15.25 -13.13 -3.20
CA LEU A 307 -13.79 -13.19 -3.32
C LEU A 307 -13.14 -12.49 -2.11
N MET A 308 -13.68 -11.31 -1.70
CA MET A 308 -13.21 -10.51 -0.56
C MET A 308 -13.30 -11.32 0.72
N LEU A 309 -14.40 -12.11 0.88
CA LEU A 309 -14.66 -12.93 2.07
C LEU A 309 -13.66 -14.05 2.22
N ARG A 310 -13.25 -14.68 1.09
CA ARG A 310 -12.23 -15.74 0.99
C ARG A 310 -10.90 -15.23 1.53
N CYS A 311 -10.48 -14.03 1.12
CA CYS A 311 -9.29 -13.37 1.70
C CYS A 311 -9.40 -13.32 3.24
N TRP A 312 -10.63 -13.33 3.78
CA TRP A 312 -10.88 -13.27 5.23
C TRP A 312 -11.22 -14.66 5.83
N SER A 313 -10.77 -15.78 5.17
CA SER A 313 -10.95 -17.16 5.68
C SER A 313 -10.20 -17.27 7.00
N ARG A 314 -10.71 -18.08 7.94
CA ARG A 314 -10.04 -18.26 9.25
C ARG A 314 -8.67 -18.88 9.10
N GLU A 315 -8.55 -19.81 8.17
CA GLU A 315 -7.33 -20.55 7.91
C GLU A 315 -6.50 -19.92 6.81
N SER A 316 -5.23 -19.64 7.13
CA SER A 316 -4.24 -19.09 6.20
C SER A 316 -4.22 -19.83 4.87
N GLU A 317 -4.22 -21.16 4.90
CA GLU A 317 -4.15 -21.97 3.68
C GLU A 317 -5.42 -21.92 2.82
N GLN A 318 -6.55 -21.43 3.38
CA GLN A 318 -7.81 -21.31 2.63
C GLN A 318 -7.93 -19.96 1.87
N ARG A 319 -7.03 -19.01 2.16
CA ARG A 319 -7.00 -17.70 1.52
C ARG A 319 -6.44 -17.80 0.10
N PRO A 320 -7.11 -17.25 -0.93
CA PRO A 320 -6.60 -17.39 -2.30
C PRO A 320 -5.23 -16.75 -2.56
N PRO A 321 -4.35 -17.42 -3.34
CA PRO A 321 -3.05 -16.80 -3.62
C PRO A 321 -3.26 -15.61 -4.53
N PHE A 322 -2.30 -14.68 -4.52
CA PHE A 322 -2.30 -13.47 -5.32
C PHE A 322 -2.42 -13.68 -6.81
N SER A 323 -1.99 -14.86 -7.30
CA SER A 323 -2.07 -15.24 -8.70
C SER A 323 -3.53 -15.46 -9.05
N GLN A 324 -4.34 -15.95 -8.07
CA GLN A 324 -5.76 -16.21 -8.28
C GLN A 324 -6.56 -14.95 -8.23
N LEU A 325 -6.27 -14.06 -7.28
CA LEU A 325 -6.95 -12.77 -7.11
C LEU A 325 -6.70 -11.98 -8.39
N HIS A 326 -5.43 -11.94 -8.85
CA HIS A 326 -5.04 -11.22 -10.07
C HIS A 326 -5.84 -11.66 -11.27
N ARG A 327 -5.97 -12.98 -11.51
CA ARG A 327 -6.70 -13.48 -12.67
C ARG A 327 -8.17 -13.14 -12.54
N PHE A 328 -8.78 -13.33 -11.34
CA PHE A 328 -10.19 -12.99 -11.16
C PHE A 328 -10.44 -11.52 -11.45
N LEU A 329 -9.69 -10.62 -10.81
CA LEU A 329 -9.86 -9.18 -10.98
C LEU A 329 -9.65 -8.71 -12.40
N ALA A 330 -8.77 -9.36 -13.16
CA ALA A 330 -8.47 -8.99 -14.57
C ALA A 330 -9.38 -9.64 -15.61
N GLU A 331 -9.98 -10.81 -15.29
CA GLU A 331 -10.80 -11.60 -16.22
C GLU A 331 -12.28 -11.73 -15.81
N ASP A 332 -12.55 -12.05 -14.54
CA ASP A 332 -13.92 -12.19 -14.03
C ASP A 332 -14.45 -10.91 -13.31
N ALA A 333 -15.23 -10.13 -14.06
CA ALA A 333 -15.92 -8.88 -13.67
C ALA A 333 -17.37 -9.01 -14.17
N LEU A 334 -17.69 -10.21 -14.70
CA LEU A 334 -18.97 -10.60 -15.26
C LEU A 334 -19.75 -11.38 -14.19
N ASN A 335 -19.98 -10.71 -13.05
CA ASN A 335 -20.65 -11.29 -11.89
C ASN A 335 -21.71 -10.38 -11.28
N THR A 336 -22.70 -11.02 -10.61
CA THR A 336 -23.81 -10.38 -9.92
C THR A 336 -23.79 -10.73 -8.44
#